data_6ANK
#
_entry.id   6ANK
#
_cell.length_a   60.637
_cell.length_b   75.059
_cell.length_c   70.980
_cell.angle_alpha   90.000
_cell.angle_beta   114.510
_cell.angle_gamma   90.000
#
_symmetry.space_group_name_H-M   'P 1 21 1'
#
loop_
_entity.id
_entity.type
_entity.pdbx_description
1 polymer Synaptotagmin-7
2 non-polymer 1,2-ETHANEDIOL
3 non-polymer 'CALCIUM ION'
4 water water
#
_entity_poly.entity_id   1
_entity_poly.type   'polypeptide(L)'
_entity_poly.pdbx_seq_one_letter_code
;GSPGISGGGGGILDSMGRLENLGRIQFSVGYNFQESTLTVKVMKAQELPAKDFSGTSDPFVKIYLLPDKKHKLETKVKRK
NLNPHWNETFLFEGFPYEKVVQRILYLQVLDYDRFSRNDPIGEVSIPLNKVDLTQMQTFWKDLKPCSDGSGSRGELLLSL
CYNPSANSIIVNIIKARNLKAMDIGGTSDPYVKVWLMYKDKRVEKKKTVTKKRNLNPIFNESFAFDIPTEKLRETTIIIT
VMDKDKLSRNDVIGKIYLSWKSGPGEVKHWKDMIARPRQPVAQWHQLKA
;
_entity_poly.pdbx_strand_id   A,B
#
# COMPACT_ATOMS: atom_id res chain seq x y z
N ASN A 21 25.46 2.62 -7.74
CA ASN A 21 25.79 1.58 -8.71
C ASN A 21 25.16 1.89 -10.06
N LEU A 22 23.83 1.88 -10.11
CA LEU A 22 23.09 2.12 -11.34
C LEU A 22 22.27 3.39 -11.30
N GLY A 23 22.49 4.26 -10.31
CA GLY A 23 21.68 5.45 -10.15
C GLY A 23 20.45 5.21 -9.31
N ARG A 24 19.71 6.29 -9.07
CA ARG A 24 18.47 6.24 -8.31
C ARG A 24 17.41 7.07 -9.02
N ILE A 25 16.15 6.73 -8.76
CA ILE A 25 15.01 7.33 -9.43
C ILE A 25 14.04 7.85 -8.38
N GLN A 26 13.52 9.05 -8.60
CA GLN A 26 12.53 9.65 -7.71
C GLN A 26 11.15 9.56 -8.34
N PHE A 27 10.15 9.21 -7.52
CA PHE A 27 8.79 9.14 -7.99
C PHE A 27 7.86 9.27 -6.79
N SER A 28 6.59 9.54 -7.07
CA SER A 28 5.57 9.59 -6.04
C SER A 28 4.39 8.75 -6.50
N VAL A 29 3.58 8.32 -5.52
CA VAL A 29 2.44 7.44 -5.79
C VAL A 29 1.36 7.73 -4.78
N GLY A 30 0.12 7.74 -5.24
CA GLY A 30 -1.01 8.04 -4.38
C GLY A 30 -2.30 7.56 -4.98
N TYR A 31 -3.26 7.26 -4.12
CA TYR A 31 -4.59 6.81 -4.52
C TYR A 31 -5.62 7.84 -4.07
N ASN A 32 -6.64 8.04 -4.91
CA ASN A 32 -7.74 8.95 -4.61
C ASN A 32 -9.04 8.14 -4.58
N PHE A 33 -9.66 8.04 -3.40
CA PHE A 33 -10.86 7.23 -3.27
C PHE A 33 -12.03 7.84 -4.03
N GLN A 34 -12.15 9.17 -4.01
CA GLN A 34 -13.26 9.82 -4.70
C GLN A 34 -13.27 9.47 -6.18
N GLU A 35 -12.09 9.42 -6.80
CA GLU A 35 -11.96 9.16 -8.23
C GLU A 35 -11.55 7.73 -8.55
N SER A 36 -11.26 6.92 -7.54
CA SER A 36 -10.81 5.54 -7.74
C SER A 36 -9.66 5.48 -8.75
N THR A 37 -8.70 6.37 -8.56
CA THR A 37 -7.58 6.52 -9.48
C THR A 37 -6.27 6.45 -8.71
N LEU A 38 -5.37 5.59 -9.17
CA LEU A 38 -4.00 5.58 -8.69
C LEU A 38 -3.18 6.54 -9.55
N THR A 39 -2.41 7.39 -8.89
CA THR A 39 -1.55 8.35 -9.58
C THR A 39 -0.09 7.96 -9.33
N VAL A 40 0.71 8.04 -10.39
CA VAL A 40 2.14 7.75 -10.32
C VAL A 40 2.86 8.84 -11.11
N LYS A 41 3.72 9.60 -10.44
CA LYS A 41 4.51 10.64 -11.08
C LYS A 41 5.97 10.23 -11.07
N VAL A 42 6.57 10.13 -12.26
CA VAL A 42 7.99 9.83 -12.41
C VAL A 42 8.70 11.18 -12.53
N MET A 43 9.30 11.62 -11.42
CA MET A 43 9.83 12.98 -11.37
C MET A 43 11.20 13.08 -12.03
N LYS A 44 12.18 12.33 -11.53
CA LYS A 44 13.53 12.46 -12.08
C LYS A 44 14.39 11.30 -11.59
N ALA A 45 15.61 11.23 -12.15
CA ALA A 45 16.61 10.25 -11.75
C ALA A 45 17.93 10.98 -11.52
N GLN A 46 18.90 10.25 -10.97
CA GLN A 46 20.21 10.83 -10.68
C GLN A 46 21.29 9.77 -10.78
N GLU A 47 22.44 10.17 -11.31
CA GLU A 47 23.63 9.31 -11.37
C GLU A 47 23.36 8.03 -12.15
N LEU A 48 22.65 8.16 -13.27
CA LEU A 48 22.48 7.02 -14.15
C LEU A 48 23.79 6.73 -14.88
N PRO A 49 24.15 5.46 -15.07
CA PRO A 49 25.40 5.15 -15.77
C PRO A 49 25.34 5.57 -17.23
N ALA A 50 26.48 5.45 -17.90
CA ALA A 50 26.60 5.79 -19.32
C ALA A 50 26.46 4.53 -20.15
N LYS A 51 25.58 4.58 -21.16
CA LYS A 51 25.34 3.46 -22.05
C LYS A 51 25.61 3.79 -23.52
N ASP A 52 25.93 5.04 -23.83
CA ASP A 52 26.37 5.43 -25.17
C ASP A 52 27.84 5.82 -25.10
N PHE A 53 28.54 5.65 -26.23
CA PHE A 53 29.96 5.97 -26.27
C PHE A 53 30.24 7.43 -25.97
N SER A 54 29.22 8.29 -26.10
CA SER A 54 29.36 9.74 -25.88
C SER A 54 29.58 10.04 -24.41
N GLY A 55 29.55 9.02 -23.57
CA GLY A 55 29.65 9.21 -22.15
C GLY A 55 28.36 9.61 -21.47
N THR A 56 27.23 9.48 -22.16
CA THR A 56 25.93 9.88 -21.62
C THR A 56 24.92 8.81 -22.00
N SER A 57 23.64 9.09 -21.73
CA SER A 57 22.57 8.15 -22.05
C SER A 57 21.32 8.95 -22.40
N ASP A 58 20.34 8.24 -22.96
CA ASP A 58 19.06 8.81 -23.34
C ASP A 58 17.96 8.13 -22.52
N PRO A 59 17.92 8.39 -21.21
CA PRO A 59 17.05 7.60 -20.33
C PRO A 59 15.57 7.89 -20.54
N PHE A 60 14.78 6.83 -20.51
CA PHE A 60 13.33 6.90 -20.38
C PHE A 60 12.88 5.79 -19.43
N VAL A 61 11.60 5.78 -19.09
CA VAL A 61 11.08 4.89 -18.06
C VAL A 61 9.84 4.18 -18.58
N LYS A 62 9.80 2.86 -18.40
CA LYS A 62 8.60 2.06 -18.60
C LYS A 62 7.94 1.83 -17.25
N ILE A 63 6.61 1.81 -17.24
CA ILE A 63 5.83 1.69 -16.02
C ILE A 63 4.83 0.56 -16.17
N TYR A 64 4.80 -0.34 -15.19
CA TYR A 64 3.88 -1.46 -15.18
C TYR A 64 3.22 -1.58 -13.82
N LEU A 65 1.97 -2.03 -13.81
CA LEU A 65 1.29 -2.49 -12.61
C LEU A 65 1.23 -4.01 -12.69
N LEU A 66 2.34 -4.65 -12.31
CA LEU A 66 2.42 -6.09 -12.36
C LEU A 66 1.29 -6.70 -11.52
N PRO A 67 0.85 -7.92 -11.85
CA PRO A 67 1.38 -8.82 -12.88
C PRO A 67 1.01 -8.45 -14.32
N ASP A 68 0.26 -7.37 -14.51
CA ASP A 68 -0.13 -6.94 -15.86
C ASP A 68 1.11 -6.51 -16.61
N LYS A 69 1.65 -7.40 -17.44
CA LYS A 69 2.78 -7.10 -18.29
C LYS A 69 2.36 -6.67 -19.70
N LYS A 70 1.06 -6.50 -19.93
CA LYS A 70 0.56 -6.19 -21.27
C LYS A 70 0.41 -4.69 -21.49
N HIS A 71 -0.21 -3.98 -20.54
CA HIS A 71 -0.45 -2.55 -20.67
C HIS A 71 0.69 -1.79 -20.00
N LYS A 72 1.53 -1.13 -20.81
CA LYS A 72 2.66 -0.39 -20.31
C LYS A 72 2.53 1.09 -20.68
N LEU A 73 3.12 1.93 -19.84
CA LEU A 73 3.23 3.35 -20.10
C LEU A 73 4.71 3.73 -20.14
N GLU A 74 5.01 4.85 -20.80
CA GLU A 74 6.38 5.29 -20.96
C GLU A 74 6.48 6.79 -20.73
N THR A 75 7.61 7.21 -20.17
CA THR A 75 7.99 8.61 -20.19
C THR A 75 8.63 8.96 -21.53
N LYS A 76 8.76 10.26 -21.79
CA LYS A 76 9.52 10.71 -22.94
C LYS A 76 11.01 10.42 -22.74
N VAL A 77 11.76 10.53 -23.82
CA VAL A 77 13.20 10.32 -23.78
C VAL A 77 13.89 11.66 -23.55
N LYS A 78 14.87 11.66 -22.64
CA LYS A 78 15.70 12.84 -22.38
C LYS A 78 17.06 12.58 -23.00
N ARG A 79 17.32 13.22 -24.14
CA ARG A 79 18.55 13.00 -24.87
C ARG A 79 19.75 13.47 -24.06
N LYS A 80 20.77 12.60 -23.99
CA LYS A 80 22.05 12.94 -23.38
C LYS A 80 21.87 13.65 -22.05
N ASN A 81 21.47 12.91 -21.02
CA ASN A 81 21.22 13.49 -19.70
C ASN A 81 21.27 12.38 -18.67
N LEU A 82 22.29 12.38 -17.82
CA LEU A 82 22.43 11.41 -16.75
C LEU A 82 21.69 11.81 -15.49
N ASN A 83 20.97 12.93 -15.51
CA ASN A 83 20.11 13.34 -14.40
C ASN A 83 18.83 13.93 -14.96
N PRO A 84 18.05 13.11 -15.65
CA PRO A 84 16.87 13.63 -16.36
C PRO A 84 15.77 14.06 -15.41
N HIS A 85 15.01 15.06 -15.84
CA HIS A 85 13.82 15.53 -15.14
C HIS A 85 12.62 15.25 -16.03
N TRP A 86 11.86 14.19 -15.70
CA TRP A 86 10.66 13.87 -16.48
C TRP A 86 9.46 14.67 -15.97
N ASN A 87 9.12 14.49 -14.70
CA ASN A 87 7.97 15.17 -14.10
C ASN A 87 6.68 14.86 -14.88
N GLU A 88 6.53 13.60 -15.28
CA GLU A 88 5.38 13.14 -16.03
C GLU A 88 4.43 12.38 -15.11
N THR A 89 3.14 12.68 -15.21
CA THR A 89 2.12 12.07 -14.39
C THR A 89 1.43 10.95 -15.16
N PHE A 90 1.25 9.80 -14.51
CA PHE A 90 0.59 8.65 -15.10
C PHE A 90 -0.57 8.23 -14.21
N LEU A 91 -1.73 7.99 -14.82
CA LEU A 91 -2.96 7.73 -14.09
C LEU A 91 -3.46 6.33 -14.41
N PHE A 92 -4.04 5.69 -13.40
CA PHE A 92 -4.70 4.39 -13.55
C PHE A 92 -6.09 4.53 -12.93
N GLU A 93 -7.07 4.81 -13.77
CA GLU A 93 -8.41 5.15 -13.31
C GLU A 93 -9.29 3.91 -13.21
N GLY A 94 -10.33 4.04 -12.39
CA GLY A 94 -11.31 2.97 -12.24
C GLY A 94 -10.82 1.76 -11.47
N PHE A 95 -9.77 1.91 -10.68
CA PHE A 95 -9.23 0.80 -9.92
C PHE A 95 -9.77 0.84 -8.49
N PRO A 96 -10.52 -0.15 -8.03
CA PRO A 96 -10.85 -0.21 -6.61
C PRO A 96 -9.59 -0.37 -5.78
N TYR A 97 -9.65 0.13 -4.54
CA TYR A 97 -8.48 0.10 -3.68
C TYR A 97 -8.01 -1.33 -3.43
N GLU A 98 -8.95 -2.26 -3.21
CA GLU A 98 -8.58 -3.64 -2.93
C GLU A 98 -7.84 -4.27 -4.10
N LYS A 99 -7.99 -3.75 -5.31
CA LYS A 99 -7.24 -4.22 -6.47
C LYS A 99 -5.87 -3.55 -6.58
N VAL A 100 -5.79 -2.26 -6.28
CA VAL A 100 -4.52 -1.54 -6.36
C VAL A 100 -3.48 -2.19 -5.46
N VAL A 101 -3.84 -2.41 -4.18
CA VAL A 101 -2.90 -2.95 -3.22
C VAL A 101 -2.39 -4.33 -3.59
N GLN A 102 -3.05 -5.01 -4.53
CA GLN A 102 -2.57 -6.30 -5.00
C GLN A 102 -1.48 -6.18 -6.06
N ARG A 103 -1.26 -4.98 -6.61
CA ARG A 103 -0.34 -4.81 -7.71
C ARG A 103 1.05 -4.40 -7.21
N ILE A 104 2.04 -4.59 -8.08
CA ILE A 104 3.42 -4.20 -7.83
C ILE A 104 3.79 -3.12 -8.84
N LEU A 105 4.07 -1.91 -8.35
CA LEU A 105 4.49 -0.83 -9.22
C LEU A 105 5.91 -1.10 -9.69
N TYR A 106 6.06 -1.31 -11.01
CA TYR A 106 7.35 -1.68 -11.58
C TYR A 106 7.81 -0.56 -12.52
N LEU A 107 9.02 -0.06 -12.27
CA LEU A 107 9.63 0.97 -13.10
C LEU A 107 10.91 0.41 -13.70
N GLN A 108 11.06 0.55 -15.02
CA GLN A 108 12.26 0.13 -15.73
C GLN A 108 12.85 1.32 -16.45
N VAL A 109 14.09 1.66 -16.12
CA VAL A 109 14.82 2.75 -16.77
C VAL A 109 15.73 2.16 -17.83
N LEU A 110 15.67 2.72 -19.04
CA LEU A 110 16.46 2.23 -20.17
C LEU A 110 17.06 3.41 -20.92
N ASP A 111 18.18 3.15 -21.59
CA ASP A 111 18.79 4.11 -22.50
C ASP A 111 18.22 3.87 -23.90
N TYR A 112 17.65 4.91 -24.49
CA TYR A 112 17.10 4.81 -25.84
C TYR A 112 18.24 4.83 -26.86
N ASP A 113 18.21 3.88 -27.79
CA ASP A 113 19.14 3.82 -28.90
C ASP A 113 18.33 3.82 -30.19
N ARG A 114 18.60 4.79 -31.05
CA ARG A 114 17.78 4.98 -32.26
C ARG A 114 17.89 3.80 -33.20
N PHE A 115 19.08 3.21 -33.33
CA PHE A 115 19.34 2.22 -34.37
C PHE A 115 19.70 0.85 -33.79
N SER A 116 19.30 0.57 -32.56
CA SER A 116 19.56 -0.72 -31.94
C SER A 116 18.60 -0.90 -30.78
N ARG A 117 18.65 -2.10 -30.18
CA ARG A 117 17.83 -2.35 -29.00
C ARG A 117 18.17 -1.36 -27.91
N ASN A 118 17.14 -0.92 -27.19
CA ASN A 118 17.36 -0.01 -26.08
C ASN A 118 18.12 -0.72 -24.97
N ASP A 119 19.11 -0.01 -24.39
CA ASP A 119 20.00 -0.60 -23.39
C ASP A 119 19.37 -0.45 -22.02
N PRO A 120 18.96 -1.52 -21.35
CA PRO A 120 18.41 -1.38 -19.99
C PRO A 120 19.45 -0.82 -19.03
N ILE A 121 19.03 0.15 -18.23
CA ILE A 121 19.88 0.75 -17.22
C ILE A 121 19.64 0.05 -15.88
N GLY A 122 18.42 0.19 -15.36
CA GLY A 122 18.08 -0.42 -14.09
C GLY A 122 16.57 -0.46 -13.92
N GLU A 123 16.14 -1.06 -12.80
CA GLU A 123 14.73 -1.23 -12.54
C GLU A 123 14.48 -1.12 -11.03
N VAL A 124 13.22 -0.87 -10.68
CA VAL A 124 12.79 -0.86 -9.28
C VAL A 124 11.36 -1.36 -9.23
N SER A 125 11.01 -2.00 -8.12
CA SER A 125 9.66 -2.54 -7.94
C SER A 125 9.29 -2.43 -6.47
N ILE A 126 8.06 -2.01 -6.21
CA ILE A 126 7.58 -1.88 -4.83
C ILE A 126 6.17 -2.45 -4.73
N PRO A 127 5.90 -3.40 -3.83
CA PRO A 127 4.52 -3.81 -3.61
C PRO A 127 3.72 -2.67 -3.03
N LEU A 128 2.53 -2.43 -3.60
CA LEU A 128 1.70 -1.34 -3.11
C LEU A 128 1.00 -1.65 -1.80
N ASN A 129 0.88 -2.93 -1.42
CA ASN A 129 0.22 -3.26 -0.15
C ASN A 129 1.02 -2.79 1.05
N LYS A 130 2.32 -2.53 0.88
CA LYS A 130 3.14 -2.00 1.94
C LYS A 130 3.08 -0.47 2.03
N VAL A 131 2.42 0.18 1.09
CA VAL A 131 2.44 1.64 0.96
C VAL A 131 1.16 2.22 1.54
N ASP A 132 1.30 3.41 2.13
CA ASP A 132 0.16 4.17 2.63
C ASP A 132 -0.40 5.02 1.50
N LEU A 133 -1.06 4.35 0.55
CA LEU A 133 -1.57 5.00 -0.64
C LEU A 133 -2.61 6.07 -0.33
N THR A 134 -3.10 6.14 0.91
CA THR A 134 -4.12 7.12 1.25
C THR A 134 -3.66 8.54 0.93
N GLN A 135 -2.38 8.83 1.13
CA GLN A 135 -1.82 10.15 0.86
C GLN A 135 -0.67 10.04 -0.11
N MET A 136 -0.61 10.96 -1.07
CA MET A 136 0.50 11.04 -1.99
C MET A 136 1.81 11.14 -1.22
N GLN A 137 2.81 10.37 -1.66
CA GLN A 137 4.12 10.42 -1.02
C GLN A 137 5.19 10.09 -2.05
N THR A 138 6.39 10.60 -1.79
CA THR A 138 7.51 10.52 -2.71
C THR A 138 8.53 9.52 -2.21
N PHE A 139 9.17 8.80 -3.13
CA PHE A 139 10.15 7.78 -2.81
C PHE A 139 11.41 7.97 -3.66
N TRP A 140 12.57 7.94 -3.01
CA TRP A 140 13.84 7.74 -3.68
C TRP A 140 14.18 6.25 -3.61
N LYS A 141 14.46 5.64 -4.76
CA LYS A 141 14.74 4.22 -4.84
C LYS A 141 15.93 3.99 -5.75
N ASP A 142 16.93 3.29 -5.24
CA ASP A 142 18.12 3.00 -6.02
C ASP A 142 17.80 1.95 -7.08
N LEU A 143 18.18 2.22 -8.32
CA LEU A 143 17.93 1.29 -9.40
C LEU A 143 18.72 0.01 -9.20
N LYS A 144 18.08 -1.12 -9.49
CA LYS A 144 18.67 -2.43 -9.35
C LYS A 144 18.77 -3.10 -10.71
N PRO A 145 19.63 -4.12 -10.86
CA PRO A 145 19.73 -4.85 -12.14
C PRO A 145 18.44 -5.60 -12.48
N SER A 152 24.51 -11.88 -15.84
CA SER A 152 24.48 -12.25 -17.26
C SER A 152 25.24 -13.54 -17.50
N ARG A 153 24.57 -14.49 -18.17
CA ARG A 153 25.16 -15.79 -18.49
C ARG A 153 25.85 -15.81 -19.84
N GLY A 154 25.68 -14.78 -20.66
CA GLY A 154 26.22 -14.74 -22.00
C GLY A 154 25.13 -14.60 -23.05
N GLU A 155 25.59 -14.32 -24.27
CA GLU A 155 24.71 -14.17 -25.42
C GLU A 155 24.98 -15.27 -26.44
N LEU A 156 23.95 -15.59 -27.23
CA LEU A 156 24.06 -16.58 -28.29
C LEU A 156 23.47 -15.98 -29.56
N LEU A 157 24.23 -16.04 -30.65
CA LEU A 157 23.78 -15.56 -31.95
C LEU A 157 23.27 -16.76 -32.75
N LEU A 158 22.00 -16.70 -33.17
CA LEU A 158 21.40 -17.79 -33.92
C LEU A 158 20.42 -17.22 -34.93
N SER A 159 20.24 -17.95 -36.04
CA SER A 159 19.28 -17.58 -37.06
C SER A 159 18.19 -18.64 -37.15
N LEU A 160 16.98 -18.18 -37.44
CA LEU A 160 15.86 -19.05 -37.72
C LEU A 160 15.40 -18.81 -39.14
N CYS A 161 14.89 -19.86 -39.77
CA CYS A 161 14.32 -19.74 -41.11
C CYS A 161 13.18 -20.75 -41.23
N TYR A 162 11.97 -20.24 -41.43
CA TYR A 162 10.79 -21.07 -41.59
C TYR A 162 10.43 -21.14 -43.07
N ASN A 163 10.28 -22.35 -43.58
CA ASN A 163 9.86 -22.57 -44.97
C ASN A 163 8.54 -23.33 -44.95
N PRO A 164 7.39 -22.65 -45.10
CA PRO A 164 6.11 -23.38 -44.97
C PRO A 164 5.91 -24.44 -46.04
N SER A 165 6.33 -24.18 -47.28
CA SER A 165 6.12 -25.15 -48.35
C SER A 165 6.88 -26.44 -48.09
N ALA A 166 8.01 -26.36 -47.39
CA ALA A 166 8.76 -27.53 -46.98
C ALA A 166 8.46 -27.96 -45.54
N ASN A 167 7.66 -27.18 -44.82
CA ASN A 167 7.31 -27.49 -43.43
C ASN A 167 8.56 -27.77 -42.61
N SER A 168 9.45 -26.78 -42.58
CA SER A 168 10.73 -26.92 -41.91
C SER A 168 11.09 -25.62 -41.22
N ILE A 169 11.88 -25.74 -40.16
CA ILE A 169 12.55 -24.61 -39.52
C ILE A 169 14.03 -24.97 -39.41
N ILE A 170 14.88 -24.11 -39.95
CA ILE A 170 16.32 -24.32 -39.91
C ILE A 170 16.90 -23.40 -38.85
N VAL A 171 17.49 -23.99 -37.82
CA VAL A 171 18.14 -23.26 -36.73
C VAL A 171 19.64 -23.32 -36.96
N ASN A 172 20.27 -22.15 -37.09
CA ASN A 172 21.72 -22.06 -37.22
C ASN A 172 22.27 -21.56 -35.90
N ILE A 173 23.04 -22.42 -35.22
CA ILE A 173 23.77 -22.03 -34.02
C ILE A 173 25.11 -21.47 -34.47
N ILE A 174 25.25 -20.15 -34.41
CA ILE A 174 26.37 -19.47 -35.07
C ILE A 174 27.53 -19.29 -34.11
N LYS A 175 27.29 -18.63 -32.98
CA LYS A 175 28.36 -18.33 -32.04
C LYS A 175 27.77 -17.75 -30.77
N ALA A 176 28.60 -17.69 -29.73
CA ALA A 176 28.23 -17.07 -28.46
C ALA A 176 29.37 -16.16 -28.01
N ARG A 177 29.06 -15.28 -27.05
CA ARG A 177 30.06 -14.37 -26.53
C ARG A 177 29.78 -14.10 -25.05
N ASN A 178 30.87 -13.96 -24.28
CA ASN A 178 30.77 -13.57 -22.87
C ASN A 178 30.04 -14.63 -22.06
N LEU A 179 30.24 -15.90 -22.41
CA LEU A 179 29.61 -16.98 -21.67
C LEU A 179 30.13 -17.03 -20.24
N LYS A 180 29.27 -17.50 -19.34
CA LYS A 180 29.64 -17.63 -17.93
C LYS A 180 30.59 -18.81 -17.75
N ALA A 181 31.63 -18.61 -16.93
CA ALA A 181 32.59 -19.65 -16.63
C ALA A 181 32.01 -20.59 -15.58
N MET A 182 31.88 -21.86 -15.95
CA MET A 182 31.25 -22.86 -15.08
C MET A 182 32.24 -23.85 -14.49
N ASP A 183 33.49 -23.85 -14.96
CA ASP A 183 34.57 -24.60 -14.32
C ASP A 183 35.35 -23.65 -13.43
N ILE A 184 35.68 -24.11 -12.22
CA ILE A 184 36.29 -23.23 -11.22
C ILE A 184 37.64 -22.69 -11.68
N GLY A 185 38.17 -23.16 -12.80
CA GLY A 185 39.40 -22.61 -13.33
C GLY A 185 39.24 -21.33 -14.13
N GLY A 186 38.01 -20.91 -14.41
CA GLY A 186 37.75 -19.64 -15.06
C GLY A 186 37.30 -19.72 -16.50
N THR A 187 36.94 -20.90 -17.01
CA THR A 187 36.48 -21.07 -18.38
C THR A 187 35.32 -22.05 -18.40
N SER A 188 34.83 -22.34 -19.60
CA SER A 188 33.79 -23.34 -19.81
C SER A 188 34.12 -24.14 -21.06
N ASP A 189 33.45 -25.28 -21.21
CA ASP A 189 33.56 -26.15 -22.38
C ASP A 189 32.19 -26.18 -23.05
N PRO A 190 31.81 -25.10 -23.72
CA PRO A 190 30.42 -24.97 -24.17
C PRO A 190 30.05 -25.92 -25.29
N TYR A 191 28.84 -26.48 -25.17
CA TYR A 191 28.12 -27.05 -26.31
C TYR A 191 26.66 -26.62 -26.20
N VAL A 192 25.96 -26.66 -27.32
CA VAL A 192 24.59 -26.16 -27.42
C VAL A 192 23.70 -27.31 -27.87
N LYS A 193 22.66 -27.59 -27.10
CA LYS A 193 21.65 -28.57 -27.50
C LYS A 193 20.35 -27.86 -27.85
N VAL A 194 19.67 -28.36 -28.88
CA VAL A 194 18.47 -27.73 -29.43
C VAL A 194 17.34 -28.74 -29.36
N TRP A 195 16.31 -28.43 -28.60
CA TRP A 195 15.15 -29.29 -28.42
C TRP A 195 13.95 -28.73 -29.16
N LEU A 196 13.29 -29.57 -29.96
CA LEU A 196 12.02 -29.22 -30.56
C LEU A 196 10.89 -29.71 -29.67
N MET A 197 9.95 -28.82 -29.34
CA MET A 197 8.85 -29.13 -28.46
C MET A 197 7.53 -28.91 -29.17
N TYR A 198 6.55 -29.73 -28.82
CA TYR A 198 5.17 -29.56 -29.28
C TYR A 198 4.26 -29.62 -28.07
N LYS A 199 3.55 -28.53 -27.80
CA LYS A 199 2.80 -28.37 -26.56
C LYS A 199 3.76 -28.46 -25.37
N ASP A 200 3.73 -29.59 -24.65
CA ASP A 200 4.62 -29.80 -23.51
C ASP A 200 5.51 -31.01 -23.69
N LYS A 201 5.45 -31.66 -24.85
CA LYS A 201 6.19 -32.90 -25.08
C LYS A 201 7.49 -32.61 -25.84
N ARG A 202 8.50 -33.41 -25.56
CA ARG A 202 9.76 -33.35 -26.29
C ARG A 202 9.63 -34.13 -27.59
N VAL A 203 9.97 -33.48 -28.70
CA VAL A 203 9.80 -34.03 -30.03
C VAL A 203 11.12 -34.54 -30.61
N GLU A 204 12.18 -33.76 -30.50
CA GLU A 204 13.45 -34.11 -31.12
C GLU A 204 14.58 -33.38 -30.41
N LYS A 205 15.74 -34.01 -30.41
CA LYS A 205 16.94 -33.45 -29.78
C LYS A 205 18.04 -33.30 -30.81
N LYS A 206 18.77 -32.19 -30.71
CA LYS A 206 19.97 -31.96 -31.52
C LYS A 206 21.05 -31.42 -30.59
N LYS A 207 22.28 -31.42 -31.07
CA LYS A 207 23.41 -31.04 -30.23
C LYS A 207 24.61 -30.70 -31.10
N THR A 208 25.33 -29.65 -30.70
CA THR A 208 26.55 -29.25 -31.38
C THR A 208 27.75 -29.99 -30.78
N VAL A 209 28.89 -29.87 -31.44
CA VAL A 209 30.13 -30.41 -30.90
C VAL A 209 30.53 -29.55 -29.71
N THR A 210 31.48 -30.02 -28.91
CA THR A 210 31.91 -29.33 -27.70
C THR A 210 33.18 -28.54 -28.00
N LYS A 211 33.14 -27.23 -27.76
CA LYS A 211 34.32 -26.39 -27.82
C LYS A 211 34.90 -26.30 -26.41
N LYS A 212 36.16 -26.67 -26.25
CA LYS A 212 36.77 -26.72 -24.92
C LYS A 212 37.52 -25.43 -24.62
N ARG A 213 37.37 -24.95 -23.39
CA ARG A 213 38.11 -23.79 -22.89
C ARG A 213 37.84 -22.55 -23.74
N ASN A 214 36.57 -22.29 -24.02
CA ASN A 214 36.17 -21.19 -24.89
C ASN A 214 34.92 -20.54 -24.37
N LEU A 215 34.99 -19.24 -24.09
CA LEU A 215 33.83 -18.46 -23.66
C LEU A 215 33.27 -17.61 -24.79
N ASN A 216 33.88 -17.63 -25.97
CA ASN A 216 33.35 -16.97 -27.17
C ASN A 216 33.43 -17.94 -28.34
N PRO A 217 32.73 -19.07 -28.26
CA PRO A 217 32.90 -20.11 -29.28
C PRO A 217 32.14 -19.82 -30.57
N ILE A 218 32.75 -20.22 -31.68
CA ILE A 218 32.10 -20.23 -32.99
C ILE A 218 31.68 -21.66 -33.29
N PHE A 219 30.39 -21.84 -33.57
CA PHE A 219 29.83 -23.16 -33.85
C PHE A 219 29.54 -23.38 -35.34
N ASN A 220 28.83 -22.46 -35.96
CA ASN A 220 28.47 -22.56 -37.38
C ASN A 220 27.91 -23.95 -37.69
N GLU A 221 26.97 -24.39 -36.86
CA GLU A 221 26.27 -25.64 -37.07
C GLU A 221 24.81 -25.36 -37.40
N SER A 222 24.26 -26.15 -38.32
CA SER A 222 22.88 -26.02 -38.76
C SER A 222 22.06 -27.23 -38.31
N PHE A 223 20.79 -26.98 -38.04
CA PHE A 223 19.86 -28.02 -37.64
C PHE A 223 18.51 -27.77 -38.30
N ALA A 224 17.97 -28.80 -38.94
CA ALA A 224 16.69 -28.70 -39.63
C ALA A 224 15.66 -29.57 -38.92
N PHE A 225 14.50 -29.00 -38.64
CA PHE A 225 13.39 -29.71 -38.01
C PHE A 225 12.17 -29.69 -38.92
N ASP A 226 11.51 -30.84 -39.05
CA ASP A 226 10.26 -30.91 -39.78
C ASP A 226 9.12 -30.45 -38.87
N ILE A 227 8.33 -29.50 -39.35
CA ILE A 227 7.25 -28.93 -38.55
C ILE A 227 6.02 -28.72 -39.43
N PRO A 228 5.01 -29.59 -39.33
CA PRO A 228 3.77 -29.36 -40.09
C PRO A 228 3.14 -28.03 -39.73
N THR A 229 2.40 -27.47 -40.68
CA THR A 229 1.73 -26.19 -40.48
C THR A 229 0.87 -26.20 -39.23
N GLU A 230 0.15 -27.30 -38.99
CA GLU A 230 -0.77 -27.35 -37.86
C GLU A 230 -0.04 -27.18 -36.54
N LYS A 231 1.22 -27.62 -36.46
CA LYS A 231 1.96 -27.59 -35.22
C LYS A 231 2.72 -26.29 -35.00
N LEU A 232 2.77 -25.41 -36.00
CA LEU A 232 3.59 -24.20 -35.90
C LEU A 232 3.21 -23.38 -34.67
N ARG A 233 1.90 -23.14 -34.49
CA ARG A 233 1.46 -22.26 -33.40
C ARG A 233 1.91 -22.80 -32.04
N GLU A 234 1.90 -24.12 -31.88
CA GLU A 234 2.19 -24.74 -30.59
C GLU A 234 3.63 -25.26 -30.50
N THR A 235 4.52 -24.74 -31.34
CA THR A 235 5.91 -25.19 -31.35
C THR A 235 6.75 -24.31 -30.44
N THR A 236 7.66 -24.95 -29.70
CA THR A 236 8.66 -24.25 -28.89
C THR A 236 10.02 -24.86 -29.17
N ILE A 237 11.01 -24.03 -29.41
CA ILE A 237 12.39 -24.46 -29.59
C ILE A 237 13.17 -24.02 -28.37
N ILE A 238 13.79 -24.97 -27.68
CA ILE A 238 14.54 -24.71 -26.47
C ILE A 238 16.02 -24.91 -26.77
N ILE A 239 16.79 -23.84 -26.62
CA ILE A 239 18.23 -23.86 -26.89
C ILE A 239 18.94 -23.69 -25.57
N THR A 240 19.74 -24.69 -25.18
CA THR A 240 20.42 -24.70 -23.90
C THR A 240 21.93 -24.75 -24.14
N VAL A 241 22.65 -23.77 -23.62
CA VAL A 241 24.11 -23.74 -23.69
C VAL A 241 24.63 -24.45 -22.45
N MET A 242 25.43 -25.50 -22.66
CA MET A 242 25.90 -26.37 -21.60
C MET A 242 27.42 -26.28 -21.51
N ASP A 243 27.94 -26.46 -20.29
CA ASP A 243 29.37 -26.59 -20.05
C ASP A 243 29.66 -28.07 -19.80
N LYS A 244 30.35 -28.70 -20.75
CA LYS A 244 30.67 -30.13 -20.62
C LYS A 244 31.71 -30.30 -19.53
N ASP A 245 31.26 -30.66 -18.34
CA ASP A 245 32.15 -31.11 -17.26
C ASP A 245 32.28 -32.62 -17.38
N LYS A 246 33.43 -33.09 -17.85
CA LYS A 246 33.68 -34.53 -17.87
C LYS A 246 33.84 -35.03 -16.45
N LEU A 247 33.39 -36.27 -16.22
CA LEU A 247 33.42 -36.89 -14.90
C LEU A 247 32.50 -36.19 -13.90
N SER A 248 31.48 -35.48 -14.39
CA SER A 248 30.53 -34.81 -13.52
C SER A 248 29.32 -34.41 -14.36
N ARG A 249 28.22 -34.12 -13.66
CA ARG A 249 27.02 -33.64 -14.33
C ARG A 249 27.30 -32.31 -15.01
N ASN A 250 27.06 -32.26 -16.33
CA ASN A 250 27.33 -31.05 -17.09
C ASN A 250 26.53 -29.88 -16.54
N ASP A 251 27.17 -28.71 -16.48
CA ASP A 251 26.55 -27.52 -15.92
C ASP A 251 25.79 -26.76 -17.00
N VAL A 252 24.72 -26.09 -16.59
CA VAL A 252 23.89 -25.32 -17.51
C VAL A 252 24.36 -23.87 -17.48
N ILE A 253 24.78 -23.37 -18.65
CA ILE A 253 25.17 -21.97 -18.75
C ILE A 253 23.94 -21.08 -18.88
N GLY A 254 22.97 -21.50 -19.67
CA GLY A 254 21.75 -20.72 -19.84
C GLY A 254 20.90 -21.30 -20.93
N LYS A 255 19.66 -20.80 -21.00
CA LYS A 255 18.65 -21.33 -21.89
C LYS A 255 18.01 -20.21 -22.70
N ILE A 256 17.45 -20.59 -23.84
CA ILE A 256 16.65 -19.71 -24.69
C ILE A 256 15.37 -20.44 -25.07
N TYR A 257 14.24 -19.74 -24.95
CA TYR A 257 12.94 -20.30 -25.30
C TYR A 257 12.39 -19.52 -26.49
N LEU A 258 12.20 -20.20 -27.61
CA LEU A 258 11.73 -19.57 -28.85
C LEU A 258 10.33 -20.12 -29.16
N SER A 259 9.33 -19.25 -29.04
CA SER A 259 7.95 -19.62 -29.31
C SER A 259 7.11 -18.34 -29.32
N TRP A 260 5.79 -18.51 -29.32
CA TRP A 260 4.89 -17.36 -29.30
C TRP A 260 4.66 -16.82 -27.90
N LYS A 261 4.99 -17.59 -26.86
CA LYS A 261 4.80 -17.18 -25.47
C LYS A 261 6.14 -17.31 -24.75
N SER A 262 7.04 -16.38 -25.03
CA SER A 262 8.34 -16.32 -24.38
C SER A 262 8.65 -14.86 -24.10
N GLY A 263 9.94 -14.55 -23.91
CA GLY A 263 10.36 -13.20 -23.66
C GLY A 263 10.12 -12.30 -24.85
N PRO A 264 10.24 -10.97 -24.66
CA PRO A 264 10.03 -10.05 -25.78
C PRO A 264 10.95 -10.32 -26.95
N GLY A 265 12.27 -10.29 -26.72
CA GLY A 265 13.20 -10.56 -27.80
C GLY A 265 13.00 -11.92 -28.43
N GLU A 266 12.63 -12.91 -27.61
CA GLU A 266 12.37 -14.25 -28.13
C GLU A 266 11.14 -14.27 -29.02
N VAL A 267 10.04 -13.68 -28.56
CA VAL A 267 8.84 -13.61 -29.37
C VAL A 267 9.10 -12.79 -30.63
N LYS A 268 9.91 -11.74 -30.52
CA LYS A 268 10.22 -10.92 -31.69
C LYS A 268 10.89 -11.75 -32.78
N HIS A 269 11.94 -12.48 -32.41
CA HIS A 269 12.61 -13.34 -33.38
C HIS A 269 11.63 -14.36 -33.96
N TRP A 270 10.84 -15.00 -33.09
CA TRP A 270 9.86 -15.97 -33.56
C TRP A 270 8.85 -15.32 -34.50
N LYS A 271 8.48 -14.06 -34.24
CA LYS A 271 7.54 -13.37 -35.10
C LYS A 271 8.17 -13.04 -36.45
N ASP A 272 9.38 -12.49 -36.43
CA ASP A 272 10.07 -12.17 -37.69
C ASP A 272 10.23 -13.40 -38.56
N MET A 273 10.57 -14.54 -37.94
CA MET A 273 10.67 -15.79 -38.68
C MET A 273 9.36 -16.10 -39.40
N ILE A 274 8.26 -16.19 -38.65
CA ILE A 274 6.98 -16.56 -39.23
C ILE A 274 6.50 -15.49 -40.20
N ALA A 275 6.71 -14.21 -39.86
CA ALA A 275 6.21 -13.12 -40.69
C ALA A 275 6.94 -13.05 -42.03
N ARG A 276 8.25 -13.34 -42.02
CA ARG A 276 9.05 -13.32 -43.24
C ARG A 276 9.42 -14.75 -43.62
N PRO A 277 8.48 -15.53 -44.16
CA PRO A 277 8.80 -16.92 -44.50
C PRO A 277 9.88 -17.00 -45.56
N ARG A 278 10.70 -18.04 -45.48
CA ARG A 278 11.80 -18.34 -46.38
C ARG A 278 13.00 -17.42 -46.17
N GLN A 279 12.88 -16.34 -45.40
CA GLN A 279 13.98 -15.41 -45.21
C GLN A 279 14.66 -15.70 -43.88
N PRO A 280 15.94 -16.07 -43.85
CA PRO A 280 16.62 -16.27 -42.57
C PRO A 280 16.67 -14.97 -41.77
N VAL A 281 16.47 -15.09 -40.46
CA VAL A 281 16.53 -13.96 -39.55
CA VAL A 281 16.53 -13.96 -39.54
C VAL A 281 17.46 -14.32 -38.40
N ALA A 282 18.52 -13.54 -38.24
CA ALA A 282 19.51 -13.77 -37.18
C ALA A 282 19.37 -12.71 -36.11
N GLN A 283 19.67 -13.10 -34.87
CA GLN A 283 19.44 -12.23 -33.73
C GLN A 283 20.22 -12.77 -32.53
N TRP A 284 20.73 -11.85 -31.71
CA TRP A 284 21.36 -12.23 -30.45
C TRP A 284 20.30 -12.48 -29.39
N HIS A 285 20.63 -13.34 -28.43
CA HIS A 285 19.71 -13.69 -27.35
C HIS A 285 20.49 -13.85 -26.05
N GLN A 286 20.11 -13.07 -25.04
CA GLN A 286 20.67 -13.24 -23.72
C GLN A 286 20.32 -14.62 -23.18
N LEU A 287 21.33 -15.35 -22.72
CA LEU A 287 21.08 -16.59 -22.03
C LEU A 287 20.48 -16.32 -20.66
N LYS A 288 19.57 -17.20 -20.23
CA LYS A 288 18.81 -16.97 -19.02
C LYS A 288 18.92 -18.15 -18.06
N ASN B 21 2.08 21.09 38.57
CA ASN B 21 2.19 19.99 37.61
C ASN B 21 1.41 20.33 36.33
N LEU B 22 0.09 20.22 36.39
CA LEU B 22 -0.77 20.45 35.25
C LEU B 22 -1.56 21.75 35.34
N GLY B 23 -1.36 22.54 36.38
CA GLY B 23 -2.13 23.75 36.58
C GLY B 23 -3.39 23.50 37.38
N ARG B 24 -4.18 24.57 37.52
CA ARG B 24 -5.44 24.51 38.24
C ARG B 24 -6.49 25.33 37.50
N ILE B 25 -7.75 25.12 37.86
CA ILE B 25 -8.88 25.73 37.18
C ILE B 25 -9.88 26.21 38.22
N GLN B 26 -10.43 27.41 38.01
CA GLN B 26 -11.42 28.00 38.89
C GLN B 26 -12.80 27.91 38.23
N PHE B 27 -13.80 27.56 39.03
CA PHE B 27 -15.16 27.47 38.52
C PHE B 27 -16.12 27.58 39.70
N SER B 28 -17.36 27.93 39.39
CA SER B 28 -18.43 27.98 40.38
C SER B 28 -19.59 27.12 39.90
N VAL B 29 -20.38 26.66 40.86
CA VAL B 29 -21.54 25.80 40.56
C VAL B 29 -22.63 26.10 41.58
N GLY B 30 -23.86 26.29 41.08
CA GLY B 30 -24.97 26.61 41.95
C GLY B 30 -26.27 26.12 41.36
N TYR B 31 -27.24 25.93 42.23
CA TYR B 31 -28.57 25.47 41.86
C TYR B 31 -29.61 26.51 42.26
N ASN B 32 -30.66 26.61 41.45
CA ASN B 32 -31.78 27.52 41.70
C ASN B 32 -33.06 26.70 41.77
N PHE B 33 -33.67 26.64 42.95
CA PHE B 33 -34.87 25.82 43.12
C PHE B 33 -36.05 26.38 42.37
N GLN B 34 -36.18 27.72 42.33
CA GLN B 34 -37.36 28.33 41.71
C GLN B 34 -37.42 28.03 40.23
N GLU B 35 -36.27 27.99 39.55
CA GLU B 35 -36.21 27.67 38.13
C GLU B 35 -35.69 26.27 37.86
N SER B 36 -35.34 25.51 38.90
CA SER B 36 -34.84 24.15 38.75
C SER B 36 -33.70 24.10 37.73
N THR B 37 -32.78 25.05 37.86
CA THR B 37 -31.67 25.21 36.93
C THR B 37 -30.35 25.10 37.69
N LEU B 38 -29.43 24.31 37.14
CA LEU B 38 -28.07 24.23 37.64
C LEU B 38 -27.20 25.16 36.79
N THR B 39 -26.42 26.00 37.46
CA THR B 39 -25.50 26.91 36.78
C THR B 39 -24.07 26.47 37.07
N VAL B 40 -23.25 26.44 36.03
CA VAL B 40 -21.82 26.15 36.15
C VAL B 40 -21.09 27.23 35.38
N LYS B 41 -20.22 27.97 36.07
CA LYS B 41 -19.43 29.03 35.45
C LYS B 41 -17.96 28.59 35.46
N VAL B 42 -17.43 28.33 34.27
CA VAL B 42 -15.99 28.10 34.11
C VAL B 42 -15.33 29.46 33.98
N MET B 43 -14.56 29.84 35.00
CA MET B 43 -14.07 31.21 35.11
C MET B 43 -12.69 31.36 34.48
N LYS B 44 -11.70 30.62 34.97
CA LYS B 44 -10.35 30.75 34.45
C LYS B 44 -9.50 29.57 34.91
N ALA B 45 -8.28 29.50 34.38
CA ALA B 45 -7.29 28.53 34.78
C ALA B 45 -5.95 29.23 34.94
N GLN B 46 -5.03 28.56 35.64
CA GLN B 46 -3.71 29.12 35.89
C GLN B 46 -2.64 28.06 35.73
N GLU B 47 -1.50 28.47 35.18
CA GLU B 47 -0.30 27.63 35.11
C GLU B 47 -0.57 26.33 34.35
N LEU B 48 -1.23 26.45 33.21
CA LEU B 48 -1.42 25.29 32.35
C LEU B 48 -0.12 24.99 31.61
N PRO B 49 0.16 23.70 31.34
CA PRO B 49 1.39 23.37 30.62
C PRO B 49 1.29 23.69 29.14
N ALA B 50 2.45 23.89 28.53
CA ALA B 50 2.53 24.16 27.10
C ALA B 50 2.39 22.84 26.33
N LYS B 51 1.42 22.79 25.42
CA LYS B 51 1.18 21.63 24.58
C LYS B 51 1.47 21.88 23.11
N ASP B 52 1.90 23.08 22.76
CA ASP B 52 2.35 23.41 21.41
C ASP B 52 3.85 23.70 21.44
N PHE B 53 4.50 23.50 20.28
CA PHE B 53 5.93 23.80 20.19
C PHE B 53 6.23 25.24 20.55
N SER B 54 5.27 26.14 20.33
CA SER B 54 5.47 27.56 20.59
C SER B 54 5.70 27.89 22.08
N GLY B 55 5.60 26.93 23.00
CA GLY B 55 5.73 27.22 24.41
C GLY B 55 4.46 27.65 25.09
N THR B 56 3.32 27.57 24.40
CA THR B 56 2.03 27.94 24.96
C THR B 56 1.02 26.86 24.58
N SER B 57 -0.25 27.13 24.86
CA SER B 57 -1.33 26.21 24.54
C SER B 57 -2.56 27.01 24.13
N ASP B 58 -3.53 26.31 23.57
CA ASP B 58 -4.80 26.90 23.13
C ASP B 58 -5.93 26.24 23.91
N PRO B 59 -6.05 26.57 25.20
CA PRO B 59 -6.92 25.77 26.08
C PRO B 59 -8.40 26.05 25.89
N PHE B 60 -9.19 24.98 25.98
CA PHE B 60 -10.64 25.07 26.10
C PHE B 60 -11.09 23.98 27.05
N VAL B 61 -12.34 24.06 27.50
CA VAL B 61 -12.85 23.17 28.55
C VAL B 61 -14.09 22.45 28.04
N LYS B 62 -14.09 21.12 28.14
CA LYS B 62 -15.28 20.32 27.95
C LYS B 62 -15.96 20.09 29.30
N ILE B 63 -17.29 20.20 29.32
CA ILE B 63 -18.07 20.14 30.54
C ILE B 63 -19.06 18.98 30.41
N TYR B 64 -19.08 18.13 31.43
CA TYR B 64 -19.97 16.98 31.47
C TYR B 64 -20.64 16.89 32.84
N LEU B 65 -21.89 16.42 32.84
CA LEU B 65 -22.56 16.02 34.07
C LEU B 65 -22.67 14.49 34.03
N LEU B 66 -21.57 13.83 34.38
CA LEU B 66 -21.50 12.38 34.36
C LEU B 66 -22.65 11.82 35.21
N PRO B 67 -23.13 10.60 34.92
CA PRO B 67 -22.62 9.67 33.91
C PRO B 67 -22.97 10.04 32.45
N ASP B 68 -23.73 11.11 32.25
CA ASP B 68 -24.12 11.51 30.89
C ASP B 68 -22.88 11.95 30.13
N LYS B 69 -22.35 11.05 29.29
CA LYS B 69 -21.23 11.35 28.42
C LYS B 69 -21.66 11.68 27.00
N LYS B 70 -22.96 11.90 26.78
CA LYS B 70 -23.50 12.17 25.46
C LYS B 70 -23.60 13.67 25.17
N HIS B 71 -24.29 14.42 26.04
CA HIS B 71 -24.50 15.84 25.85
C HIS B 71 -23.33 16.59 26.49
N LYS B 72 -22.46 17.17 25.66
CA LYS B 72 -21.29 17.89 26.14
C LYS B 72 -21.40 19.37 25.81
N LEU B 73 -20.75 20.18 26.64
CA LEU B 73 -20.65 21.61 26.43
C LEU B 73 -19.17 21.99 26.37
N GLU B 74 -18.89 23.14 25.76
CA GLU B 74 -17.52 23.57 25.55
C GLU B 74 -17.39 25.07 25.75
N THR B 75 -16.28 25.47 26.36
CA THR B 75 -15.90 26.88 26.36
C THR B 75 -15.31 27.25 25.00
N LYS B 76 -15.11 28.55 24.80
CA LYS B 76 -14.39 29.00 23.63
C LYS B 76 -12.90 28.71 23.82
N VAL B 77 -12.15 28.83 22.72
CA VAL B 77 -10.72 28.59 22.73
C VAL B 77 -10.00 29.90 22.97
N LYS B 78 -9.02 29.89 23.86
CA LYS B 78 -8.17 31.04 24.15
C LYS B 78 -6.80 30.76 23.55
N ARG B 79 -6.56 31.25 22.33
CA ARG B 79 -5.31 30.99 21.65
C ARG B 79 -4.12 31.48 22.45
N LYS B 80 -3.07 30.66 22.50
CA LYS B 80 -1.80 31.03 23.11
C LYS B 80 -2.00 31.75 24.44
N ASN B 81 -2.37 31.00 25.48
CA ASN B 81 -2.61 31.60 26.80
C ASN B 81 -2.62 30.47 27.82
N LEU B 82 -1.61 30.44 28.68
CA LEU B 82 -1.51 29.42 29.72
C LEU B 82 -2.26 29.79 30.99
N ASN B 83 -2.76 31.02 31.09
CA ASN B 83 -3.64 31.46 32.19
C ASN B 83 -4.90 32.04 31.57
N PRO B 84 -5.71 31.22 30.91
CA PRO B 84 -6.86 31.74 30.19
C PRO B 84 -7.98 32.18 31.13
N HIS B 85 -8.79 33.12 30.64
CA HIS B 85 -9.97 33.61 31.35
C HIS B 85 -11.18 33.39 30.44
N TRP B 86 -11.95 32.34 30.70
CA TRP B 86 -13.13 32.05 29.92
C TRP B 86 -14.36 32.83 30.41
N ASN B 87 -14.67 32.71 31.70
CA ASN B 87 -15.83 33.39 32.28
C ASN B 87 -17.08 33.11 31.45
N GLU B 88 -17.34 31.83 31.20
CA GLU B 88 -18.48 31.38 30.43
C GLU B 88 -19.44 30.63 31.34
N THR B 89 -20.72 31.03 31.31
CA THR B 89 -21.74 30.43 32.14
C THR B 89 -22.48 29.35 31.35
N PHE B 90 -22.74 28.23 32.01
CA PHE B 90 -23.42 27.10 31.40
C PHE B 90 -24.61 26.72 32.26
N LEU B 91 -25.78 26.59 31.62
CA LEU B 91 -27.04 26.36 32.31
C LEU B 91 -27.55 24.96 32.00
N PHE B 92 -28.19 24.35 32.99
CA PHE B 92 -28.88 23.07 32.84
C PHE B 92 -30.27 23.29 33.41
N GLU B 93 -31.20 23.70 32.56
CA GLU B 93 -32.53 24.07 33.00
C GLU B 93 -33.44 22.86 33.14
N GLY B 94 -34.51 23.03 33.92
CA GLY B 94 -35.47 21.96 34.12
C GLY B 94 -34.89 20.72 34.77
N PHE B 95 -33.83 20.88 35.57
CA PHE B 95 -33.14 19.75 36.16
C PHE B 95 -33.56 19.61 37.61
N PRO B 96 -34.34 18.59 38.00
CA PRO B 96 -34.73 18.46 39.41
C PRO B 96 -33.51 18.31 40.31
N TYR B 97 -33.66 18.78 41.55
CA TYR B 97 -32.53 18.74 42.48
C TYR B 97 -32.14 17.31 42.82
N GLU B 98 -33.12 16.42 42.99
CA GLU B 98 -32.80 15.03 43.31
C GLU B 98 -32.00 14.37 42.19
N LYS B 99 -32.14 14.86 40.96
CA LYS B 99 -31.34 14.34 39.86
C LYS B 99 -30.00 15.04 39.71
N VAL B 100 -29.91 16.30 40.16
CA VAL B 100 -28.63 17.01 40.13
C VAL B 100 -27.62 16.33 41.05
N VAL B 101 -28.05 16.01 42.27
CA VAL B 101 -27.15 15.43 43.26
C VAL B 101 -26.65 14.04 42.87
N GLN B 102 -27.24 13.42 41.85
CA GLN B 102 -26.75 12.15 41.36
C GLN B 102 -25.57 12.31 40.40
N ARG B 103 -25.27 13.52 39.96
CA ARG B 103 -24.34 13.75 38.86
C ARG B 103 -22.96 14.18 39.37
N ILE B 104 -21.95 13.92 38.56
CA ILE B 104 -20.58 14.34 38.82
C ILE B 104 -20.22 15.41 37.80
N LEU B 105 -20.00 16.63 38.25
CA LEU B 105 -19.51 17.68 37.37
C LEU B 105 -18.10 17.34 36.94
N TYR B 106 -17.90 17.19 35.64
CA TYR B 106 -16.62 16.75 35.07
C TYR B 106 -16.13 17.78 34.07
N LEU B 107 -14.96 18.35 34.34
CA LEU B 107 -14.35 19.35 33.47
C LEU B 107 -13.08 18.76 32.87
N GLN B 108 -12.90 18.94 31.57
CA GLN B 108 -11.71 18.47 30.87
C GLN B 108 -11.10 19.63 30.10
N VAL B 109 -9.83 19.91 30.36
CA VAL B 109 -9.09 20.97 29.67
C VAL B 109 -8.22 20.32 28.61
N LEU B 110 -8.20 20.92 27.41
CA LEU B 110 -7.42 20.41 26.30
C LEU B 110 -6.79 21.56 25.54
N ASP B 111 -5.68 21.28 24.87
CA ASP B 111 -5.08 22.22 23.94
C ASP B 111 -5.65 21.98 22.55
N TYR B 112 -6.15 23.04 21.93
CA TYR B 112 -6.73 22.91 20.59
C TYR B 112 -5.61 22.94 19.55
N ASP B 113 -5.63 21.94 18.66
CA ASP B 113 -4.80 21.90 17.46
C ASP B 113 -5.72 21.77 16.26
N ARG B 114 -5.70 22.75 15.36
CA ARG B 114 -6.61 22.71 14.23
C ARG B 114 -6.32 21.52 13.32
N PHE B 115 -5.04 21.24 13.06
CA PHE B 115 -4.65 20.26 12.07
C PHE B 115 -4.24 18.92 12.67
N SER B 116 -4.58 18.68 13.93
CA SER B 116 -4.29 17.40 14.57
C SER B 116 -5.23 17.24 15.75
N ARG B 117 -5.18 16.06 16.37
CA ARG B 117 -5.96 15.82 17.57
C ARG B 117 -5.67 16.88 18.62
N ASN B 118 -6.72 17.25 19.36
CA ASN B 118 -6.53 18.12 20.51
C ASN B 118 -5.76 17.39 21.59
N ASP B 119 -4.88 18.11 22.30
CA ASP B 119 -4.00 17.50 23.27
C ASP B 119 -4.60 17.67 24.66
N PRO B 120 -5.05 16.60 25.32
CA PRO B 120 -5.60 16.74 26.67
C PRO B 120 -4.55 17.27 27.65
N ILE B 121 -4.95 18.28 28.42
CA ILE B 121 -4.09 18.86 29.45
C ILE B 121 -4.36 18.15 30.77
N GLY B 122 -5.56 18.29 31.29
CA GLY B 122 -5.92 17.67 32.54
C GLY B 122 -7.42 17.71 32.75
N GLU B 123 -7.86 17.09 33.84
CA GLU B 123 -9.27 17.00 34.14
C GLU B 123 -9.49 17.21 35.64
N VAL B 124 -10.73 17.57 35.97
CA VAL B 124 -11.19 17.63 37.36
C VAL B 124 -12.63 17.16 37.38
N SER B 125 -13.04 16.62 38.52
CA SER B 125 -14.42 16.17 38.69
C SER B 125 -14.79 16.31 40.15
N ILE B 126 -16.04 16.71 40.39
CA ILE B 126 -16.54 16.88 41.75
C ILE B 126 -17.94 16.27 41.84
N PRO B 127 -18.20 15.38 42.78
CA PRO B 127 -19.59 14.93 43.01
C PRO B 127 -20.43 16.07 43.53
N LEU B 128 -21.59 16.30 42.90
CA LEU B 128 -22.43 17.43 43.29
C LEU B 128 -23.15 17.18 44.61
N ASN B 129 -23.27 15.92 45.05
CA ASN B 129 -23.93 15.66 46.33
C ASN B 129 -23.09 16.08 47.53
N LYS B 130 -21.82 16.41 47.32
CA LYS B 130 -20.97 16.95 48.37
C LYS B 130 -20.94 18.47 48.38
N VAL B 131 -21.66 19.12 47.47
CA VAL B 131 -21.60 20.56 47.28
C VAL B 131 -22.84 21.21 47.88
N ASP B 132 -22.64 22.27 48.66
CA ASP B 132 -23.73 23.09 49.13
C ASP B 132 -24.26 23.91 47.96
N LEU B 133 -25.18 23.32 47.18
CA LEU B 133 -25.60 23.91 45.92
C LEU B 133 -26.55 25.08 46.09
N THR B 134 -27.18 25.24 47.25
CA THR B 134 -28.12 26.34 47.44
C THR B 134 -27.42 27.70 47.35
N GLN B 135 -26.11 27.73 47.52
CA GLN B 135 -25.31 28.95 47.37
C GLN B 135 -24.28 28.74 46.28
N MET B 136 -24.08 29.76 45.45
CA MET B 136 -23.11 29.69 44.36
C MET B 136 -21.71 29.61 44.94
N GLN B 137 -21.11 28.42 44.90
CA GLN B 137 -19.81 28.18 45.51
C GLN B 137 -18.73 28.13 44.43
N THR B 138 -17.65 28.88 44.65
CA THR B 138 -16.50 28.90 43.77
C THR B 138 -15.45 27.94 44.30
N PHE B 139 -14.75 27.27 43.38
CA PHE B 139 -13.75 26.27 43.74
C PHE B 139 -12.49 26.45 42.91
N TRP B 140 -11.34 26.27 43.55
CA TRP B 140 -10.07 26.04 42.86
C TRP B 140 -9.75 24.56 42.92
N LYS B 141 -9.51 23.95 41.76
CA LYS B 141 -9.22 22.53 41.67
C LYS B 141 -7.97 22.33 40.81
N ASP B 142 -6.98 21.63 41.36
CA ASP B 142 -5.79 21.30 40.59
C ASP B 142 -6.13 20.23 39.56
N LEU B 143 -5.71 20.46 38.32
CA LEU B 143 -6.00 19.52 37.25
C LEU B 143 -5.27 18.20 37.48
N LYS B 144 -5.94 17.10 37.17
CA LYS B 144 -5.38 15.77 37.28
C LYS B 144 -5.28 15.13 35.90
N PRO B 145 -4.47 14.07 35.75
CA PRO B 145 -4.42 13.35 34.46
C PRO B 145 -5.69 12.59 34.16
N SER B 152 -8.28 8.55 24.52
CA SER B 152 -8.23 8.07 23.13
C SER B 152 -7.39 6.81 23.02
N ARG B 153 -7.91 5.83 22.27
CA ARG B 153 -7.25 4.55 22.10
C ARG B 153 -6.76 4.32 20.67
N GLY B 154 -6.84 5.35 19.82
CA GLY B 154 -6.35 5.25 18.46
C GLY B 154 -7.44 5.39 17.41
N GLU B 155 -7.05 5.66 16.17
CA GLU B 155 -7.98 5.80 15.06
C GLU B 155 -7.70 4.73 14.03
N LEU B 156 -8.74 4.38 13.26
CA LEU B 156 -8.64 3.39 12.20
C LEU B 156 -9.22 3.99 10.93
N LEU B 157 -8.42 3.95 9.86
CA LEU B 157 -8.89 4.37 8.54
C LEU B 157 -9.40 3.14 7.80
N LEU B 158 -10.65 3.21 7.34
CA LEU B 158 -11.28 2.09 6.64
C LEU B 158 -12.21 2.65 5.58
N SER B 159 -12.37 1.89 4.51
CA SER B 159 -13.27 2.26 3.43
C SER B 159 -14.43 1.26 3.38
N LEU B 160 -15.60 1.77 3.03
CA LEU B 160 -16.79 0.96 2.81
C LEU B 160 -17.27 1.19 1.39
N CYS B 161 -17.77 0.13 0.76
CA CYS B 161 -18.36 0.24 -0.57
C CYS B 161 -19.48 -0.78 -0.67
N TYR B 162 -20.70 -0.29 -0.91
CA TYR B 162 -21.88 -1.13 -1.04
C TYR B 162 -22.30 -1.17 -2.50
N ASN B 163 -22.40 -2.38 -3.05
CA ASN B 163 -22.86 -2.58 -4.42
C ASN B 163 -24.17 -3.36 -4.39
N PRO B 164 -25.32 -2.68 -4.50
CA PRO B 164 -26.60 -3.42 -4.41
C PRO B 164 -26.81 -4.42 -5.53
N SER B 165 -26.34 -4.11 -6.74
CA SER B 165 -26.52 -5.04 -7.85
C SER B 165 -25.75 -6.34 -7.62
N ALA B 166 -24.65 -6.28 -6.87
CA ALA B 166 -23.89 -7.48 -6.52
C ALA B 166 -24.18 -7.97 -5.10
N ASN B 167 -24.96 -7.23 -4.31
CA ASN B 167 -25.30 -7.62 -2.95
C ASN B 167 -24.05 -7.88 -2.13
N SER B 168 -23.22 -6.85 -2.03
CA SER B 168 -21.93 -6.97 -1.37
C SER B 168 -21.54 -5.65 -0.73
N ILE B 169 -20.85 -5.74 0.40
CA ILE B 169 -20.17 -4.62 1.02
C ILE B 169 -18.71 -5.00 1.18
N ILE B 170 -17.81 -4.21 0.61
CA ILE B 170 -16.39 -4.46 0.69
C ILE B 170 -15.79 -3.50 1.71
N VAL B 171 -15.13 -4.06 2.71
CA VAL B 171 -14.48 -3.29 3.77
C VAL B 171 -12.98 -3.40 3.57
N ASN B 172 -12.31 -2.26 3.43
CA ASN B 172 -10.86 -2.21 3.37
C ASN B 172 -10.32 -1.71 4.70
N ILE B 173 -9.56 -2.55 5.39
CA ILE B 173 -8.88 -2.17 6.61
C ILE B 173 -7.51 -1.63 6.17
N ILE B 174 -7.39 -0.30 6.12
CA ILE B 174 -6.24 0.34 5.50
C ILE B 174 -5.11 0.50 6.51
N LYS B 175 -5.31 1.35 7.52
CA LYS B 175 -4.28 1.63 8.50
C LYS B 175 -4.90 2.17 9.77
N ALA B 176 -4.11 2.16 10.85
CA ALA B 176 -4.45 2.79 12.10
C ALA B 176 -3.33 3.74 12.51
N ARG B 177 -3.65 4.67 13.41
CA ARG B 177 -2.66 5.59 13.92
C ARG B 177 -2.91 5.88 15.39
N ASN B 178 -1.81 6.04 16.14
CA ASN B 178 -1.87 6.41 17.54
C ASN B 178 -2.63 5.39 18.37
N LEU B 179 -2.39 4.10 18.10
CA LEU B 179 -3.00 3.05 18.88
C LEU B 179 -2.44 3.04 20.29
N LYS B 180 -3.30 2.75 21.26
CA LYS B 180 -2.86 2.64 22.64
C LYS B 180 -1.94 1.44 22.80
N ALA B 181 -0.94 1.58 23.67
CA ALA B 181 -0.03 0.49 23.98
C ALA B 181 -0.65 -0.40 25.06
N MET B 182 -0.70 -1.71 24.78
CA MET B 182 -1.29 -2.68 25.69
C MET B 182 -0.24 -3.52 26.40
N ASP B 183 0.67 -4.14 25.65
CA ASP B 183 1.89 -4.69 26.25
C ASP B 183 2.58 -3.61 27.09
N ILE B 184 3.15 -4.03 28.22
CA ILE B 184 3.73 -3.07 29.16
C ILE B 184 5.03 -2.46 28.68
N GLY B 185 5.65 -3.02 27.64
CA GLY B 185 6.86 -2.45 27.09
C GLY B 185 6.65 -1.14 26.35
N GLY B 186 5.42 -0.78 26.03
CA GLY B 186 5.11 0.46 25.37
C GLY B 186 4.67 0.35 23.92
N THR B 187 4.20 -0.81 23.48
CA THR B 187 3.73 -1.00 22.11
C THR B 187 2.60 -2.02 22.13
N SER B 188 2.13 -2.39 20.94
CA SER B 188 1.08 -3.38 20.79
C SER B 188 1.35 -4.18 19.52
N ASP B 189 0.72 -5.34 19.44
CA ASP B 189 0.81 -6.21 18.27
C ASP B 189 -0.55 -6.22 17.59
N PRO B 190 -0.91 -5.16 16.87
CA PRO B 190 -2.30 -5.01 16.43
C PRO B 190 -2.69 -5.96 15.31
N TYR B 191 -3.90 -6.49 15.41
CA TYR B 191 -4.62 -7.09 14.30
C TYR B 191 -6.09 -6.70 14.41
N VAL B 192 -6.78 -6.71 13.28
CA VAL B 192 -8.15 -6.19 13.19
C VAL B 192 -9.10 -7.33 12.84
N LYS B 193 -10.11 -7.52 13.68
CA LYS B 193 -11.21 -8.44 13.41
C LYS B 193 -12.37 -7.66 12.80
N VAL B 194 -13.06 -8.29 11.85
CA VAL B 194 -14.20 -7.68 11.17
C VAL B 194 -15.35 -8.67 11.23
N TRP B 195 -16.39 -8.34 11.99
CA TRP B 195 -17.53 -9.21 12.19
C TRP B 195 -18.74 -8.68 11.41
N LEU B 196 -19.39 -9.55 10.66
CA LEU B 196 -20.66 -9.22 10.03
C LEU B 196 -21.80 -9.67 10.95
N MET B 197 -22.75 -8.78 11.19
CA MET B 197 -23.84 -9.03 12.11
C MET B 197 -25.18 -8.83 11.40
N TYR B 198 -26.16 -9.64 11.80
CA TYR B 198 -27.54 -9.48 11.37
C TYR B 198 -28.42 -9.49 12.60
N LYS B 199 -29.14 -8.39 12.84
CA LYS B 199 -29.90 -8.21 14.06
C LYS B 199 -28.97 -8.27 15.27
N ASP B 200 -29.02 -9.36 16.04
CA ASP B 200 -28.15 -9.52 17.20
C ASP B 200 -27.23 -10.72 17.07
N LYS B 201 -27.20 -11.38 15.91
CA LYS B 201 -26.45 -12.60 15.70
C LYS B 201 -25.18 -12.31 14.92
N ARG B 202 -24.12 -13.05 15.25
CA ARG B 202 -22.86 -12.95 14.50
C ARG B 202 -22.95 -13.85 13.28
N VAL B 203 -22.81 -13.27 12.09
CA VAL B 203 -22.99 -14.03 10.86
C VAL B 203 -21.67 -14.56 10.33
N GLU B 204 -20.63 -13.73 10.31
CA GLU B 204 -19.37 -14.10 9.71
C GLU B 204 -18.24 -13.33 10.37
N LYS B 205 -17.06 -13.93 10.41
CA LYS B 205 -15.88 -13.32 11.01
C LYS B 205 -14.74 -13.32 10.02
N LYS B 206 -13.98 -12.23 10.00
CA LYS B 206 -12.74 -12.12 9.24
C LYS B 206 -11.70 -11.45 10.12
N LYS B 207 -10.46 -11.46 9.65
CA LYS B 207 -9.35 -11.00 10.47
C LYS B 207 -8.14 -10.71 9.59
N THR B 208 -7.36 -9.72 10.00
CA THR B 208 -6.13 -9.36 9.31
C THR B 208 -4.94 -10.10 9.93
N VAL B 209 -3.79 -9.97 9.27
CA VAL B 209 -2.55 -10.49 9.84
C VAL B 209 -2.17 -9.60 11.01
N THR B 210 -1.19 -10.03 11.81
CA THR B 210 -0.73 -9.27 12.95
C THR B 210 0.53 -8.51 12.58
N LYS B 211 0.49 -7.19 12.77
CA LYS B 211 1.68 -6.35 12.67
C LYS B 211 2.28 -6.23 14.07
N LYS B 212 3.51 -6.70 14.24
CA LYS B 212 4.12 -6.76 15.56
C LYS B 212 4.81 -5.45 15.91
N ARG B 213 4.69 -5.04 17.16
CA ARG B 213 5.35 -3.85 17.70
C ARG B 213 5.17 -2.66 16.77
N ASN B 214 3.90 -2.28 16.59
CA ASN B 214 3.54 -1.20 15.68
C ASN B 214 2.25 -0.55 16.16
N LEU B 215 2.32 0.73 16.52
CA LEU B 215 1.14 1.49 16.92
C LEU B 215 0.56 2.30 15.77
N ASN B 216 1.22 2.32 14.61
CA ASN B 216 0.72 2.98 13.41
C ASN B 216 0.80 2.01 12.23
N PRO B 217 0.13 0.87 12.33
CA PRO B 217 0.27 -0.17 11.31
C PRO B 217 -0.45 0.15 10.02
N ILE B 218 0.09 -0.39 8.93
CA ILE B 218 -0.56 -0.39 7.62
C ILE B 218 -0.97 -1.83 7.32
N PHE B 219 -2.25 -2.02 7.03
CA PHE B 219 -2.81 -3.33 6.75
C PHE B 219 -3.08 -3.53 5.26
N ASN B 220 -3.82 -2.62 4.64
CA ASN B 220 -4.22 -2.77 3.24
C ASN B 220 -4.80 -4.15 2.97
N GLU B 221 -5.74 -4.55 3.83
CA GLU B 221 -6.45 -5.81 3.68
C GLU B 221 -7.90 -5.53 3.34
N SER B 222 -8.47 -6.39 2.49
CA SER B 222 -9.82 -6.22 1.98
C SER B 222 -10.69 -7.38 2.43
N PHE B 223 -11.95 -7.08 2.74
CA PHE B 223 -12.92 -8.08 3.17
C PHE B 223 -14.22 -7.86 2.41
N ALA B 224 -14.74 -8.92 1.81
CA ALA B 224 -15.97 -8.86 1.04
C ALA B 224 -17.05 -9.68 1.75
N PHE B 225 -18.19 -9.06 1.99
CA PHE B 225 -19.32 -9.70 2.67
C PHE B 225 -20.53 -9.71 1.75
N ASP B 226 -21.22 -10.85 1.71
CA ASP B 226 -22.45 -10.97 0.95
C ASP B 226 -23.61 -10.49 1.81
N ILE B 227 -24.33 -9.49 1.32
CA ILE B 227 -25.42 -8.88 2.07
C ILE B 227 -26.64 -8.73 1.17
N PRO B 228 -27.64 -9.60 1.29
CA PRO B 228 -28.87 -9.42 0.51
C PRO B 228 -29.50 -8.06 0.76
N THR B 229 -30.27 -7.60 -0.23
CA THR B 229 -30.93 -6.31 -0.12
C THR B 229 -31.82 -6.23 1.10
N GLU B 230 -32.50 -7.33 1.44
CA GLU B 230 -33.45 -7.33 2.54
C GLU B 230 -32.76 -7.12 3.89
N LYS B 231 -31.52 -7.58 4.02
CA LYS B 231 -30.82 -7.55 5.30
C LYS B 231 -29.98 -6.29 5.51
N LEU B 232 -29.93 -5.39 4.53
CA LEU B 232 -29.11 -4.19 4.66
C LEU B 232 -29.49 -3.38 5.90
N ARG B 233 -30.79 -3.07 6.03
CA ARG B 233 -31.22 -2.17 7.11
C ARG B 233 -30.86 -2.72 8.48
N GLU B 234 -30.71 -4.03 8.61
CA GLU B 234 -30.47 -4.66 9.90
C GLU B 234 -29.06 -5.24 10.02
N THR B 235 -28.15 -4.88 9.12
CA THR B 235 -26.78 -5.34 9.17
C THR B 235 -25.93 -4.42 10.04
N THR B 236 -24.97 -5.01 10.73
CA THR B 236 -23.98 -4.27 11.50
C THR B 236 -22.61 -4.89 11.28
N ILE B 237 -21.62 -4.03 11.04
CA ILE B 237 -20.22 -4.45 10.89
C ILE B 237 -19.47 -3.97 12.12
N ILE B 238 -18.91 -4.91 12.87
CA ILE B 238 -18.17 -4.61 14.09
C ILE B 238 -16.69 -4.81 13.80
N ILE B 239 -15.90 -3.75 13.98
CA ILE B 239 -14.47 -3.77 13.73
C ILE B 239 -13.76 -3.64 15.07
N THR B 240 -12.96 -4.65 15.42
CA THR B 240 -12.26 -4.69 16.70
C THR B 240 -10.75 -4.72 16.44
N VAL B 241 -10.04 -3.74 16.97
CA VAL B 241 -8.59 -3.72 16.93
C VAL B 241 -8.10 -4.39 18.21
N MET B 242 -7.30 -5.44 18.06
CA MET B 242 -6.81 -6.23 19.17
C MET B 242 -5.31 -6.03 19.32
N ASP B 243 -4.81 -6.38 20.51
CA ASP B 243 -3.38 -6.50 20.74
C ASP B 243 -3.06 -7.95 21.01
N LYS B 244 -2.33 -8.57 20.08
CA LYS B 244 -1.97 -9.99 20.18
C LYS B 244 -0.91 -10.15 21.26
N ASP B 245 -1.37 -10.23 22.51
CA ASP B 245 -0.52 -10.64 23.62
C ASP B 245 -0.45 -12.17 23.55
N LYS B 246 0.62 -12.68 22.94
CA LYS B 246 0.68 -14.09 22.55
C LYS B 246 0.39 -15.02 23.72
N LEU B 247 1.24 -14.99 24.75
CA LEU B 247 1.16 -15.98 25.81
C LEU B 247 0.16 -15.57 26.89
N SER B 248 -0.92 -14.91 26.48
CA SER B 248 -1.98 -14.54 27.40
C SER B 248 -3.23 -14.21 26.59
N ARG B 249 -4.29 -13.80 27.29
CA ARG B 249 -5.53 -13.43 26.64
C ARG B 249 -5.35 -12.09 25.92
N ASN B 250 -5.59 -12.08 24.62
CA ASN B 250 -5.36 -10.89 23.81
C ASN B 250 -6.14 -9.70 24.35
N ASP B 251 -5.53 -8.53 24.28
CA ASP B 251 -6.13 -7.30 24.78
C ASP B 251 -6.92 -6.61 23.67
N VAL B 252 -7.98 -5.93 24.06
CA VAL B 252 -8.87 -5.22 23.14
C VAL B 252 -8.44 -3.75 23.12
N ILE B 253 -7.95 -3.29 21.97
CA ILE B 253 -7.58 -1.88 21.84
C ILE B 253 -8.82 -1.02 21.69
N GLY B 254 -9.77 -1.45 20.88
CA GLY B 254 -10.98 -0.68 20.69
C GLY B 254 -11.84 -1.28 19.60
N LYS B 255 -13.05 -0.73 19.50
CA LYS B 255 -14.06 -1.25 18.60
C LYS B 255 -14.71 -0.11 17.82
N ILE B 256 -15.27 -0.47 16.67
CA ILE B 256 -16.07 0.42 15.83
C ILE B 256 -17.34 -0.32 15.44
N TYR B 257 -18.47 0.37 15.52
CA TYR B 257 -19.78 -0.21 15.20
C TYR B 257 -20.34 0.55 14.00
N LEU B 258 -20.46 -0.14 12.87
CA LEU B 258 -20.92 0.47 11.63
C LEU B 258 -22.34 -0.01 11.34
N SER B 259 -23.31 0.90 11.44
CA SER B 259 -24.70 0.61 11.16
C SER B 259 -25.54 1.88 11.30
N TRP B 260 -26.86 1.77 11.11
CA TRP B 260 -27.73 2.92 11.28
C TRP B 260 -27.89 3.33 12.74
N LYS B 261 -27.51 2.46 13.68
CA LYS B 261 -27.73 2.67 15.11
C LYS B 261 -26.36 2.69 15.80
N SER B 262 -25.60 3.75 15.56
CA SER B 262 -24.26 3.87 16.14
C SER B 262 -23.97 5.35 16.40
N GLY B 263 -22.72 5.65 16.70
CA GLY B 263 -22.30 7.01 16.93
C GLY B 263 -22.45 7.87 15.68
N PRO B 264 -22.39 9.20 15.84
CA PRO B 264 -22.59 10.09 14.70
C PRO B 264 -21.65 9.80 13.54
N GLY B 265 -20.34 9.79 13.80
CA GLY B 265 -19.38 9.55 12.74
C GLY B 265 -19.54 8.17 12.12
N GLU B 266 -19.87 7.17 12.94
CA GLU B 266 -20.06 5.82 12.41
C GLU B 266 -21.32 5.73 11.57
N VAL B 267 -22.40 6.40 11.99
CA VAL B 267 -23.62 6.42 11.20
C VAL B 267 -23.41 7.18 9.90
N LYS B 268 -22.63 8.25 9.94
CA LYS B 268 -22.39 9.02 8.72
C LYS B 268 -21.69 8.18 7.67
N HIS B 269 -20.69 7.40 8.06
CA HIS B 269 -20.01 6.54 7.10
C HIS B 269 -20.98 5.50 6.55
N TRP B 270 -21.79 4.89 7.43
CA TRP B 270 -22.82 3.97 6.97
C TRP B 270 -23.84 4.69 6.07
N LYS B 271 -24.20 5.91 6.43
CA LYS B 271 -25.12 6.69 5.61
C LYS B 271 -24.54 6.99 4.24
N ASP B 272 -23.29 7.49 4.21
CA ASP B 272 -22.66 7.84 2.95
C ASP B 272 -22.44 6.61 2.07
N MET B 273 -22.22 5.44 2.68
CA MET B 273 -22.07 4.21 1.91
C MET B 273 -23.37 3.86 1.20
N ILE B 274 -24.48 3.80 1.95
CA ILE B 274 -25.77 3.41 1.37
C ILE B 274 -26.26 4.47 0.40
N ALA B 275 -26.06 5.75 0.72
CA ALA B 275 -26.58 6.83 -0.11
C ALA B 275 -25.85 6.97 -1.44
N ARG B 276 -24.63 6.46 -1.53
CA ARG B 276 -23.80 6.58 -2.73
C ARG B 276 -23.33 5.20 -3.14
N PRO B 277 -24.22 4.37 -3.68
CA PRO B 277 -23.82 3.01 -4.07
C PRO B 277 -22.74 3.02 -5.14
N ARG B 278 -21.88 1.99 -5.09
CA ARG B 278 -20.77 1.83 -6.02
C ARG B 278 -19.64 2.82 -5.77
N GLN B 279 -19.85 3.77 -4.85
CA GLN B 279 -18.85 4.77 -4.55
C GLN B 279 -18.13 4.39 -3.27
N PRO B 280 -16.86 3.97 -3.31
CA PRO B 280 -16.14 3.71 -2.06
C PRO B 280 -16.03 4.99 -1.24
N VAL B 281 -16.19 4.84 0.08
CA VAL B 281 -16.11 5.94 1.01
C VAL B 281 -15.12 5.56 2.12
N ALA B 282 -14.06 6.35 2.26
CA ALA B 282 -13.05 6.13 3.28
C ALA B 282 -13.17 7.20 4.37
N GLN B 283 -13.02 6.78 5.62
CA GLN B 283 -13.25 7.67 6.74
C GLN B 283 -12.47 7.18 7.95
N TRP B 284 -11.96 8.14 8.73
CA TRP B 284 -11.31 7.82 10.00
C TRP B 284 -12.36 7.58 11.08
N HIS B 285 -12.03 6.71 12.02
CA HIS B 285 -12.93 6.40 13.13
C HIS B 285 -12.13 6.27 14.41
N GLN B 286 -12.59 6.97 15.45
CA GLN B 286 -12.01 6.80 16.77
C GLN B 286 -12.34 5.43 17.32
N LEU B 287 -11.32 4.74 17.82
CA LEU B 287 -11.54 3.46 18.49
C LEU B 287 -12.10 3.71 19.88
N LYS B 288 -13.13 2.96 20.24
CA LYS B 288 -13.87 3.19 21.47
C LYS B 288 -13.83 1.94 22.35
N ALA B 289 -13.75 2.17 23.65
CA ALA B 289 -13.71 1.07 24.62
C ALA B 289 -15.11 0.69 25.07
#